data_4MA7
#
_entry.id   4MA7
#
_cell.length_a   83.211
_cell.length_b   106.038
_cell.length_c   75.733
_cell.angle_alpha   90.00
_cell.angle_beta   95.68
_cell.angle_gamma   90.00
#
_symmetry.space_group_name_H-M   'C 1 2 1'
#
loop_
_entity.id
_entity.type
_entity.pdbx_description
1 polymer 'Major prion protein'
2 polymer 'POM1 heavy chain'
3 polymer 'POM1 light chain'
4 non-polymer Promazine
5 water water
#
loop_
_entity_poly.entity_id
_entity_poly.type
_entity_poly.pdbx_seq_one_letter_code
_entity_poly.pdbx_strand_id
1 'polypeptide(L)'
;AAGAVVGGLGGYMLGSAMSRPMIHFGNDWEDRYYRENMYRYPNQVYYRPVDQYSNQNNFVHDCVNITIKQHTVTTTTKGE
NFTETDVKMMERVVEQMCVTQYQKESQAYYDGRR
;
A
2 'polypeptide(L)'
;QVQLQQSGTELVMPGASVKMSCKASGYTFTDYWMHWVKQRPGQGLEWIGSIDPSDSYTSHNEKFKGKATLTVDESSSTAY
MQLSSLTSEDSAVYFCSRSGYGYYAMEYWGQGTSVTVSSAKTTPPSVYPLAPGGGATNSMVTLGCLVKGYFPEPVTVTWN
SGSLSGGVHTFPAVLQSDLYTLSSSVTVPSSTWPSETVTCNVAHPASSTKVDKKIVPR
;
H
3 'polypeptide(L)'
;DIVLTQSPAILSVSPGERVSFSCRASQNIGTSIHWYQQRTNESPRLIIKYASESISGIPSRFSGSGSGTDFTLSINSVES
EDIADYYCQQSNTWPYTFGGGTKLELKRADAAPTVSIFPPSSEQLTSGGASVVCFLNNFYPKDINVKWKIDGSERQNGVL
NSETDQDSKDSTYSMSSTLTLTKDEYERHNTYTCEATHKTSTSPIVKSFNRNE
;
L
#
# COMPACT_ATOMS: atom_id res chain seq x y z
N GLY A 3 -16.88 -47.30 -0.27
CA GLY A 3 -15.84 -47.46 -1.25
C GLY A 3 -15.84 -48.84 -1.82
N ALA A 4 -15.40 -48.98 -3.05
CA ALA A 4 -15.43 -50.28 -3.68
C ALA A 4 -14.08 -50.94 -3.63
N VAL A 5 -14.08 -52.23 -3.38
CA VAL A 5 -12.87 -53.00 -3.29
C VAL A 5 -12.78 -54.02 -4.37
N VAL A 6 -11.60 -54.12 -4.95
CA VAL A 6 -11.29 -55.23 -5.81
C VAL A 6 -9.87 -55.73 -5.62
N GLY A 7 -9.47 -56.61 -6.52
CA GLY A 7 -8.18 -57.24 -6.56
C GLY A 7 -7.23 -57.06 -5.41
N GLY A 8 -6.16 -56.37 -5.68
CA GLY A 8 -5.10 -56.17 -4.72
C GLY A 8 -4.87 -54.69 -4.54
N LEU A 9 -5.75 -54.09 -3.75
CA LEU A 9 -5.68 -52.70 -3.44
C LEU A 9 -4.89 -52.56 -2.17
N GLY A 10 -4.52 -53.68 -1.58
CA GLY A 10 -3.70 -53.69 -0.40
C GLY A 10 -4.28 -52.85 0.70
N GLY A 11 -5.55 -53.02 0.98
CA GLY A 11 -6.16 -52.19 1.97
C GLY A 11 -6.88 -51.00 1.38
N TYR A 12 -6.55 -50.58 0.18
CA TYR A 12 -7.20 -49.40 -0.35
C TYR A 12 -8.59 -49.66 -0.92
N MET A 13 -9.40 -48.63 -0.97
CA MET A 13 -10.74 -48.71 -1.46
C MET A 13 -10.89 -47.61 -2.47
N LEU A 14 -11.79 -47.79 -3.41
CA LEU A 14 -12.09 -46.83 -4.46
C LEU A 14 -13.41 -46.14 -4.19
N GLY A 15 -13.37 -44.83 -3.97
CA GLY A 15 -14.58 -44.04 -3.78
C GLY A 15 -15.37 -43.94 -5.08
N SER A 16 -16.66 -43.67 -4.97
CA SER A 16 -17.51 -43.52 -6.14
C SER A 16 -17.13 -42.28 -6.94
N ALA A 17 -17.37 -42.32 -8.24
CA ALA A 17 -17.12 -41.17 -9.12
C ALA A 17 -17.84 -39.95 -8.60
N MET A 18 -17.17 -38.80 -8.66
CA MET A 18 -17.75 -37.55 -8.22
C MET A 18 -17.87 -36.62 -9.42
N SER A 19 -18.96 -35.86 -9.48
CA SER A 19 -19.10 -34.83 -10.50
C SER A 19 -17.91 -33.90 -10.42
N ARG A 20 -17.26 -33.67 -11.56
CA ARG A 20 -16.11 -32.79 -11.58
C ARG A 20 -16.52 -31.36 -11.26
N PRO A 21 -15.87 -30.74 -10.26
CA PRO A 21 -16.23 -29.37 -9.95
C PRO A 21 -15.59 -28.37 -10.89
N MET A 22 -16.22 -27.22 -11.02
CA MET A 22 -15.61 -26.07 -11.66
C MET A 22 -14.54 -25.56 -10.70
N ILE A 23 -13.28 -25.59 -11.12
CA ILE A 23 -12.19 -25.08 -10.27
C ILE A 23 -11.51 -23.90 -10.93
N HIS A 24 -11.34 -22.83 -10.16
CA HIS A 24 -10.63 -21.66 -10.60
C HIS A 24 -9.26 -21.62 -9.93
N PHE A 25 -8.21 -21.47 -10.74
CA PHE A 25 -6.85 -21.50 -10.26
C PHE A 25 -6.20 -20.12 -10.08
N GLY A 26 -6.95 -19.06 -10.31
CA GLY A 26 -6.50 -17.74 -9.87
C GLY A 26 -5.76 -16.91 -10.91
N ASN A 27 -5.55 -17.48 -12.10
CA ASN A 27 -4.99 -16.73 -13.21
C ASN A 27 -5.53 -17.26 -14.54
N ASP A 28 -5.40 -16.44 -15.57
CA ASP A 28 -6.06 -16.72 -16.84
C ASP A 28 -5.51 -17.97 -17.52
N TRP A 29 -4.20 -18.13 -17.50
CA TRP A 29 -3.59 -19.27 -18.16
C TRP A 29 -4.00 -20.59 -17.50
N GLU A 30 -3.91 -20.63 -16.17
CA GLU A 30 -4.19 -21.88 -15.45
C GLU A 30 -5.67 -22.28 -15.50
N ASP A 31 -6.57 -21.31 -15.44
CA ASP A 31 -8.00 -21.61 -15.52
C ASP A 31 -8.32 -22.30 -16.83
N ARG A 32 -7.81 -21.74 -17.92
CA ARG A 32 -8.01 -22.33 -19.24
C ARG A 32 -7.34 -23.70 -19.29
N TYR A 33 -6.07 -23.76 -18.89
CA TYR A 33 -5.36 -25.04 -18.92
C TYR A 33 -6.15 -26.08 -18.17
N TYR A 34 -6.61 -25.74 -16.97
CA TYR A 34 -7.36 -26.68 -16.18
C TYR A 34 -8.64 -27.17 -16.87
N ARG A 35 -9.45 -26.24 -17.37
CA ARG A 35 -10.70 -26.57 -18.07
C ARG A 35 -10.46 -27.57 -19.21
N GLU A 36 -9.38 -27.36 -19.93
CA GLU A 36 -9.04 -28.21 -21.05
C GLU A 36 -8.43 -29.55 -20.62
N ASN A 37 -7.70 -29.56 -19.51
CA ASN A 37 -7.00 -30.76 -19.09
C ASN A 37 -7.61 -31.54 -17.93
N MET A 38 -8.69 -31.02 -17.34
CA MET A 38 -9.22 -31.59 -16.10
C MET A 38 -9.69 -33.04 -16.25
N TYR A 39 -10.07 -33.42 -17.47
CA TYR A 39 -10.47 -34.79 -17.77
C TYR A 39 -9.33 -35.81 -17.57
N ARG A 40 -8.08 -35.32 -17.58
CA ARG A 40 -6.90 -36.17 -17.42
C ARG A 40 -6.61 -36.54 -15.96
N TYR A 41 -7.33 -35.93 -15.03
CA TYR A 41 -7.13 -36.15 -13.61
C TYR A 41 -8.26 -37.02 -13.07
N PRO A 42 -8.04 -37.68 -11.93
CA PRO A 42 -9.03 -38.62 -11.41
C PRO A 42 -10.37 -37.96 -11.11
N ASN A 43 -11.46 -38.70 -11.24
CA ASN A 43 -12.77 -38.27 -10.75
C ASN A 43 -13.24 -39.15 -9.61
N GLN A 44 -12.34 -39.94 -9.07
CA GLN A 44 -12.58 -40.72 -7.86
C GLN A 44 -11.24 -40.97 -7.19
N VAL A 45 -11.26 -41.29 -5.91
CA VAL A 45 -10.02 -41.37 -5.13
C VAL A 45 -9.86 -42.72 -4.44
N TYR A 46 -8.61 -43.08 -4.18
CA TYR A 46 -8.28 -44.27 -3.40
C TYR A 46 -7.88 -43.86 -1.99
N TYR A 47 -8.28 -44.69 -1.03
CA TYR A 47 -8.04 -44.40 0.37
C TYR A 47 -8.14 -45.68 1.17
N ARG A 48 -7.48 -45.71 2.33
CA ARG A 48 -7.66 -46.78 3.30
C ARG A 48 -8.85 -46.41 4.18
N PRO A 49 -9.49 -47.41 4.80
CA PRO A 49 -10.58 -47.10 5.72
C PRO A 49 -10.23 -45.96 6.66
N VAL A 50 -11.19 -45.06 6.90
CA VAL A 50 -10.94 -43.84 7.65
C VAL A 50 -10.43 -44.07 9.08
N ASP A 51 -10.85 -45.18 9.69
CA ASP A 51 -10.42 -45.54 11.05
C ASP A 51 -8.92 -45.83 11.16
N GLN A 52 -8.24 -46.03 10.02
CA GLN A 52 -6.81 -46.30 10.01
C GLN A 52 -5.93 -45.03 10.04
N TYR A 53 -6.55 -43.87 10.17
CA TYR A 53 -5.82 -42.61 10.26
C TYR A 53 -6.13 -41.86 11.55
N SER A 54 -5.18 -41.03 11.96
CA SER A 54 -5.30 -40.24 13.19
C SER A 54 -6.39 -39.19 13.07
N ASN A 55 -6.44 -38.56 11.89
CA ASN A 55 -7.36 -37.46 11.63
C ASN A 55 -7.53 -37.22 10.13
N GLN A 56 -8.34 -36.21 9.78
CA GLN A 56 -8.59 -35.85 8.40
C GLN A 56 -7.32 -35.60 7.60
N ASN A 57 -6.44 -34.78 8.14
CA ASN A 57 -5.21 -34.40 7.45
C ASN A 57 -4.39 -35.60 7.02
N ASN A 58 -4.19 -36.55 7.93
CA ASN A 58 -3.44 -37.75 7.62
C ASN A 58 -4.15 -38.63 6.60
N PHE A 59 -5.47 -38.77 6.73
CA PHE A 59 -6.27 -39.47 5.72
C PHE A 59 -6.11 -38.80 4.35
N VAL A 60 -6.30 -37.48 4.35
CA VAL A 60 -6.26 -36.71 3.11
C VAL A 60 -4.89 -36.81 2.46
N HIS A 61 -3.84 -36.52 3.23
CA HIS A 61 -2.45 -36.60 2.72
CA HIS A 61 -2.46 -36.61 2.72
C HIS A 61 -2.21 -37.93 2.03
N ASP A 62 -2.65 -39.01 2.67
CA ASP A 62 -2.45 -40.35 2.11
C ASP A 62 -3.31 -40.56 0.87
N CYS A 63 -4.63 -40.35 1.03
CA CYS A 63 -5.56 -40.43 -0.09
C CYS A 63 -5.03 -39.68 -1.32
N VAL A 64 -4.47 -38.49 -1.11
CA VAL A 64 -3.92 -37.70 -2.21
C VAL A 64 -2.72 -38.41 -2.86
N ASN A 65 -1.76 -38.83 -2.03
CA ASN A 65 -0.56 -39.50 -2.54
C ASN A 65 -0.86 -40.79 -3.32
N ILE A 66 -1.66 -41.69 -2.75
CA ILE A 66 -1.95 -42.96 -3.42
C ILE A 66 -2.77 -42.73 -4.68
N THR A 67 -3.79 -41.89 -4.59
CA THR A 67 -4.64 -41.61 -5.74
C THR A 67 -3.79 -41.09 -6.89
N ILE A 68 -2.93 -40.12 -6.61
CA ILE A 68 -2.09 -39.52 -7.65
C ILE A 68 -1.03 -40.49 -8.14
N LYS A 69 -0.38 -41.18 -7.22
CA LYS A 69 0.63 -42.18 -7.58
C LYS A 69 0.01 -43.21 -8.53
N GLN A 70 -1.14 -43.75 -8.15
CA GLN A 70 -1.76 -44.81 -8.94
C GLN A 70 -2.39 -44.30 -10.23
N HIS A 71 -2.86 -43.06 -10.22
CA HIS A 71 -3.32 -42.43 -11.46
C HIS A 71 -2.14 -42.19 -12.39
N THR A 72 -0.98 -41.86 -11.82
CA THR A 72 0.21 -41.58 -12.62
C THR A 72 0.73 -42.84 -13.33
N VAL A 73 0.68 -44.00 -12.67
CA VAL A 73 1.16 -45.24 -13.34
C VAL A 73 0.20 -45.61 -14.49
N THR A 74 -1.11 -45.53 -14.28
CA THR A 74 -2.08 -45.78 -15.35
C THR A 74 -1.91 -44.78 -16.50
N THR A 75 -1.63 -43.52 -16.16
CA THR A 75 -1.37 -42.50 -17.17
C THR A 75 -0.07 -42.80 -17.91
N THR A 76 0.96 -43.20 -17.17
CA THR A 76 2.23 -43.61 -17.76
C THR A 76 2.05 -44.80 -18.70
N THR A 77 1.24 -45.78 -18.26
CA THR A 77 0.94 -46.96 -19.08
C THR A 77 0.33 -46.60 -20.43
N LYS A 78 -0.43 -45.51 -20.48
CA LYS A 78 -1.00 -45.01 -21.73
C LYS A 78 -0.05 -44.12 -22.54
N GLY A 79 1.20 -44.00 -22.10
CA GLY A 79 2.21 -43.20 -22.80
C GLY A 79 2.06 -41.69 -22.59
N GLU A 80 1.33 -41.30 -21.55
CA GLU A 80 1.12 -39.88 -21.25
C GLU A 80 1.89 -39.47 -20.00
N ASN A 81 2.14 -38.17 -19.88
CA ASN A 81 2.93 -37.60 -18.79
C ASN A 81 2.24 -36.42 -18.14
N PHE A 82 2.54 -36.20 -16.86
CA PHE A 82 2.07 -35.04 -16.13
C PHE A 82 3.21 -34.05 -15.90
N THR A 83 2.96 -32.79 -16.20
CA THR A 83 3.92 -31.73 -15.92
C THR A 83 3.76 -31.28 -14.47
N GLU A 84 4.62 -30.35 -14.03
CA GLU A 84 4.51 -29.76 -12.71
C GLU A 84 3.14 -29.08 -12.52
N THR A 85 2.63 -28.44 -13.56
CA THR A 85 1.31 -27.83 -13.47
C THR A 85 0.25 -28.90 -13.26
N ASP A 86 0.28 -29.93 -14.08
CA ASP A 86 -0.64 -31.07 -13.92
C ASP A 86 -0.67 -31.59 -12.49
N VAL A 87 0.50 -31.87 -11.92
CA VAL A 87 0.57 -32.44 -10.57
C VAL A 87 0.04 -31.45 -9.53
N LYS A 88 0.37 -30.17 -9.68
CA LYS A 88 -0.15 -29.12 -8.80
C LYS A 88 -1.68 -29.09 -8.85
N MET A 89 -2.23 -29.13 -10.06
CA MET A 89 -3.67 -29.06 -10.27
C MET A 89 -4.34 -30.34 -9.81
N MET A 90 -3.74 -31.47 -10.17
CA MET A 90 -4.23 -32.76 -9.74
C MET A 90 -4.24 -32.85 -8.22
N GLU A 91 -3.15 -32.43 -7.60
CA GLU A 91 -3.06 -32.44 -6.14
C GLU A 91 -4.26 -31.71 -5.57
N ARG A 92 -4.56 -30.54 -6.13
CA ARG A 92 -5.65 -29.73 -5.60
C ARG A 92 -7.01 -30.39 -5.72
N VAL A 93 -7.34 -30.90 -6.90
CA VAL A 93 -8.67 -31.48 -7.10
C VAL A 93 -8.78 -32.82 -6.38
N VAL A 94 -7.70 -33.58 -6.35
CA VAL A 94 -7.69 -34.83 -5.61
C VAL A 94 -7.83 -34.54 -4.13
N GLU A 95 -7.16 -33.50 -3.64
CA GLU A 95 -7.33 -33.10 -2.24
C GLU A 95 -8.79 -32.81 -1.94
N GLN A 96 -9.47 -32.06 -2.83
CA GLN A 96 -10.89 -31.77 -2.61
C GLN A 96 -11.70 -33.05 -2.48
N MET A 97 -11.50 -33.95 -3.44
CA MET A 97 -12.22 -35.22 -3.43
C MET A 97 -11.89 -36.07 -2.20
N CYS A 98 -10.64 -36.01 -1.75
CA CYS A 98 -10.22 -36.77 -0.56
C CYS A 98 -10.86 -36.22 0.71
N VAL A 99 -11.02 -34.90 0.79
CA VAL A 99 -11.73 -34.27 1.89
C VAL A 99 -13.20 -34.69 1.88
N THR A 100 -13.82 -34.63 0.71
CA THR A 100 -15.21 -35.07 0.55
C THR A 100 -15.35 -36.54 0.93
N GLN A 101 -14.42 -37.36 0.46
CA GLN A 101 -14.41 -38.77 0.79
C GLN A 101 -14.25 -38.99 2.29
N TYR A 102 -13.37 -38.23 2.92
CA TYR A 102 -13.17 -38.35 4.37
C TYR A 102 -14.47 -38.07 5.11
N GLN A 103 -15.13 -36.97 4.75
CA GLN A 103 -16.37 -36.56 5.41
C GLN A 103 -17.46 -37.62 5.24
N LYS A 104 -17.55 -38.17 4.05
CA LYS A 104 -18.47 -39.27 3.74
C LYS A 104 -18.10 -40.51 4.56
N GLU A 105 -16.81 -40.85 4.56
CA GLU A 105 -16.32 -42.03 5.28
C GLU A 105 -16.43 -41.86 6.79
N SER A 106 -16.05 -40.68 7.30
CA SER A 106 -16.10 -40.40 8.73
C SER A 106 -17.55 -40.31 9.23
N GLN A 107 -18.45 -39.84 8.38
CA GLN A 107 -19.88 -39.85 8.70
C GLN A 107 -20.37 -41.29 8.88
N ALA A 108 -19.97 -42.18 7.98
CA ALA A 108 -20.33 -43.60 8.06
C ALA A 108 -19.65 -44.28 9.25
N TYR A 109 -18.44 -43.85 9.58
CA TYR A 109 -17.70 -44.32 10.75
C TYR A 109 -18.41 -43.93 12.05
N TYR A 110 -19.02 -42.74 12.05
CA TYR A 110 -19.86 -42.30 13.17
C TYR A 110 -21.20 -43.06 13.21
N ASP A 111 -21.76 -43.38 12.04
CA ASP A 111 -23.01 -44.15 11.96
C ASP A 111 -22.74 -45.64 12.17
N GLY A 112 -22.24 -45.99 13.36
CA GLY A 112 -21.90 -47.37 13.69
C GLY A 112 -20.80 -47.93 12.81
N GLN B 1 -24.75 -4.81 -3.41
CA GLN B 1 -23.40 -4.26 -3.74
C GLN B 1 -22.33 -4.93 -2.87
N VAL B 2 -21.19 -5.23 -3.46
CA VAL B 2 -20.15 -5.95 -2.73
C VAL B 2 -19.29 -4.96 -1.96
N GLN B 3 -18.88 -5.38 -0.77
CA GLN B 3 -18.01 -4.58 0.09
C GLN B 3 -16.98 -5.50 0.73
N LEU B 4 -15.78 -4.97 0.92
CA LEU B 4 -14.68 -5.65 1.61
C LEU B 4 -14.26 -4.73 2.74
N GLN B 5 -14.49 -5.19 3.96
CA GLN B 5 -14.30 -4.37 5.15
C GLN B 5 -13.01 -4.79 5.85
N GLN B 6 -12.08 -3.85 5.98
CA GLN B 6 -10.81 -4.08 6.67
C GLN B 6 -10.64 -3.09 7.83
N SER B 7 -10.03 -3.56 8.90
CA SER B 7 -9.65 -2.68 10.01
C SER B 7 -8.69 -1.58 9.53
N GLY B 8 -8.84 -0.38 10.07
CA GLY B 8 -8.07 0.77 9.61
C GLY B 8 -6.58 0.69 9.93
N THR B 9 -6.26 0.32 11.16
CA THR B 9 -4.88 0.41 11.63
C THR B 9 -4.50 -0.76 12.51
N GLU B 10 -3.21 -1.09 12.49
CA GLU B 10 -2.62 -1.99 13.46
C GLU B 10 -1.28 -1.41 13.92
N LEU B 11 -1.13 -1.26 15.23
CA LEU B 11 0.16 -0.93 15.82
C LEU B 11 0.73 -2.23 16.40
N VAL B 12 1.95 -2.58 16.02
CA VAL B 12 2.53 -3.87 16.38
C VAL B 12 4.02 -3.75 16.69
N MET B 13 4.48 -4.52 17.66
CA MET B 13 5.86 -4.48 18.13
C MET B 13 6.75 -5.19 17.11
N PRO B 14 8.01 -4.74 16.97
CA PRO B 14 8.93 -5.51 16.13
C PRO B 14 9.05 -6.93 16.67
N GLY B 15 8.98 -7.92 15.78
CA GLY B 15 9.08 -9.32 16.17
C GLY B 15 7.74 -9.97 16.46
N ALA B 16 6.70 -9.17 16.66
CA ALA B 16 5.36 -9.72 16.88
C ALA B 16 4.72 -10.05 15.54
N SER B 17 3.56 -10.69 15.60
CA SER B 17 2.77 -11.02 14.43
C SER B 17 1.50 -10.20 14.47
N VAL B 18 0.86 -10.07 13.31
CA VAL B 18 -0.47 -9.47 13.24
C VAL B 18 -1.33 -10.26 12.27
N LYS B 19 -2.60 -10.43 12.62
CA LYS B 19 -3.57 -11.07 11.75
C LYS B 19 -4.64 -10.04 11.40
N MET B 20 -4.71 -9.67 10.13
CA MET B 20 -5.69 -8.69 9.67
C MET B 20 -6.80 -9.35 8.87
N SER B 21 -8.00 -8.79 9.01
CA SER B 21 -9.21 -9.38 8.45
C SER B 21 -9.71 -8.60 7.25
N CYS B 22 -10.46 -9.30 6.41
CA CYS B 22 -11.12 -8.71 5.25
C CYS B 22 -12.48 -9.38 5.15
N LYS B 23 -13.51 -8.69 5.63
CA LYS B 23 -14.85 -9.25 5.69
C LYS B 23 -15.60 -8.86 4.43
N ALA B 24 -16.06 -9.88 3.70
CA ALA B 24 -16.74 -9.67 2.43
C ALA B 24 -18.25 -9.74 2.62
N SER B 25 -18.99 -9.03 1.78
CA SER B 25 -20.44 -9.10 1.77
C SER B 25 -21.00 -8.76 0.40
N GLY B 26 -22.23 -9.19 0.16
CA GLY B 26 -22.96 -8.80 -1.03
C GLY B 26 -22.76 -9.69 -2.24
N TYR B 27 -22.20 -10.88 -2.02
CA TYR B 27 -22.02 -11.87 -3.07
C TYR B 27 -21.72 -13.23 -2.45
N THR B 28 -21.71 -14.27 -3.29
CA THR B 28 -21.42 -15.62 -2.84
C THR B 28 -19.91 -15.76 -2.60
N PHE B 29 -19.52 -15.83 -1.33
CA PHE B 29 -18.12 -15.74 -0.91
C PHE B 29 -17.19 -16.74 -1.59
N THR B 30 -17.66 -17.97 -1.77
CA THR B 30 -16.83 -19.03 -2.29
C THR B 30 -16.68 -19.01 -3.81
N ASP B 31 -17.39 -18.11 -4.48
CA ASP B 31 -17.32 -18.01 -5.95
C ASP B 31 -16.18 -17.15 -6.47
N TYR B 32 -15.48 -16.44 -5.58
CA TYR B 32 -14.48 -15.45 -5.98
C TYR B 32 -13.18 -15.51 -5.20
N TRP B 33 -12.06 -15.42 -5.91
CA TRP B 33 -10.74 -15.30 -5.29
C TRP B 33 -10.58 -13.98 -4.57
N MET B 34 -9.85 -14.03 -3.46
CA MET B 34 -9.47 -12.88 -2.66
C MET B 34 -7.96 -12.70 -2.75
N HIS B 35 -7.50 -11.43 -2.75
CA HIS B 35 -6.10 -11.11 -2.98
C HIS B 35 -5.61 -10.09 -1.96
N TRP B 36 -4.32 -10.16 -1.65
CA TRP B 36 -3.69 -9.28 -0.66
C TRP B 36 -2.55 -8.53 -1.28
N VAL B 37 -2.57 -7.21 -1.11
CA VAL B 37 -1.62 -6.33 -1.79
C VAL B 37 -1.00 -5.41 -0.73
N LYS B 38 0.33 -5.28 -0.78
CA LYS B 38 1.07 -4.42 0.14
C LYS B 38 1.42 -3.09 -0.53
N GLN B 39 1.36 -2.01 0.23
CA GLN B 39 1.84 -0.73 -0.26
C GLN B 39 2.60 0.00 0.85
N ARG B 40 3.90 0.14 0.65
CA ARG B 40 4.74 0.91 1.54
C ARG B 40 4.45 2.40 1.35
N PRO B 41 4.70 3.21 2.40
CA PRO B 41 4.45 4.65 2.27
C PRO B 41 5.14 5.24 1.05
N GLY B 42 4.37 5.87 0.18
CA GLY B 42 4.90 6.49 -1.04
C GLY B 42 5.44 5.53 -2.10
N GLN B 43 5.17 4.23 -1.96
CA GLN B 43 5.65 3.25 -2.93
C GLN B 43 4.46 2.59 -3.66
N GLY B 44 4.79 1.73 -4.63
CA GLY B 44 3.79 1.08 -5.46
C GLY B 44 3.11 -0.11 -4.80
N LEU B 45 2.29 -0.81 -5.58
CA LEU B 45 1.55 -1.97 -5.09
C LEU B 45 2.39 -3.22 -5.25
N GLU B 46 2.40 -4.06 -4.22
CA GLU B 46 3.10 -5.33 -4.27
C GLU B 46 2.12 -6.46 -3.94
N TRP B 47 2.02 -7.45 -4.83
CA TRP B 47 1.18 -8.60 -4.57
C TRP B 47 1.85 -9.47 -3.51
N ILE B 48 1.09 -9.82 -2.48
CA ILE B 48 1.57 -10.72 -1.45
C ILE B 48 1.15 -12.15 -1.75
N GLY B 49 -0.15 -12.32 -2.01
CA GLY B 49 -0.73 -13.64 -2.15
C GLY B 49 -2.22 -13.57 -2.34
N SER B 50 -2.79 -14.71 -2.73
CA SER B 50 -4.19 -14.80 -3.06
C SER B 50 -4.72 -16.14 -2.59
N ILE B 51 -6.03 -16.18 -2.35
CA ILE B 51 -6.70 -17.36 -1.86
C ILE B 51 -8.05 -17.58 -2.54
N ASP B 52 -8.33 -18.84 -2.85
CA ASP B 52 -9.64 -19.27 -3.32
C ASP B 52 -10.44 -19.70 -2.09
N PRO B 53 -11.48 -18.94 -1.73
CA PRO B 53 -12.23 -19.30 -0.53
C PRO B 53 -12.93 -20.66 -0.58
N SER B 54 -13.16 -21.22 -1.77
CA SER B 54 -13.86 -22.50 -1.88
C SER B 54 -13.11 -23.63 -1.19
N ASP B 55 -11.79 -23.69 -1.35
CA ASP B 55 -10.98 -24.72 -0.68
C ASP B 55 -9.72 -24.19 0.00
N SER B 56 -9.59 -22.86 0.09
CA SER B 56 -8.42 -22.22 0.70
C SER B 56 -7.11 -22.52 -0.03
N TYR B 57 -7.21 -22.88 -1.30
CA TYR B 57 -6.04 -23.00 -2.14
C TYR B 57 -5.43 -21.61 -2.26
N THR B 58 -4.11 -21.50 -2.06
CA THR B 58 -3.43 -20.22 -2.11
C THR B 58 -2.33 -20.17 -3.15
N SER B 59 -1.93 -18.95 -3.49
CA SER B 59 -0.76 -18.69 -4.27
C SER B 59 -0.09 -17.48 -3.64
N HIS B 60 1.24 -17.50 -3.60
CA HIS B 60 2.01 -16.46 -2.92
C HIS B 60 3.06 -15.88 -3.81
N ASN B 61 3.31 -14.59 -3.62
CA ASN B 61 4.57 -13.99 -4.01
C ASN B 61 5.62 -14.76 -3.23
N GLU B 62 6.64 -15.26 -3.94
CA GLU B 62 7.68 -16.09 -3.35
C GLU B 62 8.26 -15.45 -2.08
N LYS B 63 8.49 -14.14 -2.13
CA LYS B 63 9.06 -13.39 -1.01
C LYS B 63 8.24 -13.47 0.27
N PHE B 64 6.94 -13.73 0.14
CA PHE B 64 6.02 -13.74 1.28
C PHE B 64 5.65 -15.12 1.77
N LYS B 65 6.15 -16.15 1.08
CA LYS B 65 5.95 -17.53 1.50
C LYS B 65 6.80 -17.77 2.74
N GLY B 66 6.15 -17.94 3.89
CA GLY B 66 6.81 -18.05 5.19
C GLY B 66 6.61 -16.80 6.05
N LYS B 67 6.11 -15.74 5.42
CA LYS B 67 5.87 -14.47 6.07
C LYS B 67 4.37 -14.25 6.22
N ALA B 68 3.63 -14.47 5.13
CA ALA B 68 2.19 -14.19 5.08
C ALA B 68 1.38 -15.48 4.98
N THR B 69 0.52 -15.71 5.97
CA THR B 69 -0.36 -16.86 5.98
C THR B 69 -1.79 -16.44 5.67
N LEU B 70 -2.34 -16.98 4.59
CA LEU B 70 -3.66 -16.59 4.11
C LEU B 70 -4.68 -17.64 4.47
N THR B 71 -5.78 -17.22 5.08
CA THR B 71 -6.88 -18.12 5.39
C THR B 71 -8.21 -17.44 5.14
N VAL B 72 -9.27 -18.22 5.19
CA VAL B 72 -10.62 -17.67 5.18
C VAL B 72 -11.44 -18.34 6.25
N ASP B 73 -12.54 -17.69 6.60
CA ASP B 73 -13.60 -18.29 7.38
C ASP B 73 -14.88 -18.15 6.55
N GLU B 74 -15.33 -19.25 5.96
CA GLU B 74 -16.50 -19.24 5.07
C GLU B 74 -17.76 -18.78 5.80
N SER B 75 -17.94 -19.27 7.03
CA SER B 75 -19.11 -18.90 7.84
C SER B 75 -19.30 -17.40 7.94
N SER B 76 -18.19 -16.67 8.13
CA SER B 76 -18.23 -15.22 8.29
C SER B 76 -17.81 -14.45 7.03
N SER B 77 -17.64 -15.17 5.91
CA SER B 77 -17.21 -14.56 4.66
C SER B 77 -16.03 -13.60 4.88
N THR B 78 -15.04 -14.07 5.64
CA THR B 78 -13.90 -13.24 5.99
C THR B 78 -12.61 -13.92 5.55
N ALA B 79 -11.74 -13.15 4.91
CA ALA B 79 -10.38 -13.57 4.58
C ALA B 79 -9.42 -12.97 5.59
N TYR B 80 -8.37 -13.71 5.92
CA TYR B 80 -7.36 -13.24 6.86
C TYR B 80 -5.97 -13.36 6.28
N MET B 81 -5.12 -12.40 6.64
CA MET B 81 -3.70 -12.50 6.37
C MET B 81 -2.95 -12.30 7.67
N GLN B 82 -2.14 -13.28 8.05
CA GLN B 82 -1.28 -13.16 9.22
C GLN B 82 0.15 -12.91 8.74
N LEU B 83 0.75 -11.84 9.23
CA LEU B 83 2.15 -11.53 8.98
C LEU B 83 2.92 -11.78 10.27
N SER B 84 4.08 -12.43 10.15
CA SER B 84 4.87 -12.80 11.33
C SER B 84 6.22 -12.10 11.39
N SER B 85 6.79 -12.03 12.60
CA SER B 85 8.13 -11.47 12.83
C SER B 85 8.26 -10.11 12.18
N LEU B 86 7.43 -9.17 12.61
CA LEU B 86 7.35 -7.90 11.91
C LEU B 86 8.59 -7.05 12.17
N THR B 87 8.97 -6.32 11.13
CA THR B 87 10.04 -5.34 11.21
C THR B 87 9.51 -4.07 10.59
N SER B 88 10.32 -3.01 10.63
CA SER B 88 9.95 -1.75 10.00
C SER B 88 9.71 -1.88 8.50
N GLU B 89 10.25 -2.94 7.89
CA GLU B 89 9.97 -3.26 6.48
C GLU B 89 8.50 -3.62 6.23
N ASP B 90 7.81 -4.05 7.28
CA ASP B 90 6.41 -4.46 7.16
C ASP B 90 5.44 -3.31 7.45
N SER B 91 5.98 -2.16 7.83
CA SER B 91 5.14 -0.97 7.99
C SER B 91 4.60 -0.59 6.63
N ALA B 92 3.29 -0.71 6.45
CA ALA B 92 2.66 -0.49 5.16
C ALA B 92 1.15 -0.54 5.28
N VAL B 93 0.47 -0.19 4.20
CA VAL B 93 -0.96 -0.44 4.07
C VAL B 93 -1.13 -1.76 3.34
N TYR B 94 -2.01 -2.60 3.86
CA TYR B 94 -2.31 -3.89 3.26
C TYR B 94 -3.75 -3.90 2.80
N PHE B 95 -3.94 -4.08 1.49
CA PHE B 95 -5.28 -4.15 0.90
C PHE B 95 -5.65 -5.58 0.64
N CYS B 96 -6.93 -5.87 0.81
CA CYS B 96 -7.52 -7.06 0.26
C CYS B 96 -8.34 -6.63 -0.95
N SER B 97 -8.56 -7.57 -1.86
CA SER B 97 -9.32 -7.29 -3.07
C SER B 97 -9.94 -8.57 -3.55
N ARG B 98 -10.98 -8.42 -4.36
CA ARG B 98 -11.71 -9.54 -4.93
C ARG B 98 -11.76 -9.42 -6.45
N SER B 99 -11.53 -10.54 -7.12
CA SER B 99 -11.58 -10.58 -8.58
C SER B 99 -12.98 -10.96 -9.09
N GLY B 100 -13.10 -11.11 -10.41
CA GLY B 100 -14.36 -11.49 -11.05
C GLY B 100 -14.57 -12.99 -10.98
N TYR B 101 -15.53 -13.48 -11.75
CA TYR B 101 -15.81 -14.91 -11.77
C TYR B 101 -15.08 -15.57 -12.93
N GLY B 102 -13.96 -16.22 -12.63
CA GLY B 102 -13.09 -16.77 -13.65
C GLY B 102 -12.36 -15.69 -14.43
N TYR B 103 -12.34 -14.49 -13.88
CA TYR B 103 -11.63 -13.35 -14.43
C TYR B 103 -10.91 -12.66 -13.28
N TYR B 104 -9.74 -12.10 -13.56
CA TYR B 104 -8.81 -11.75 -12.49
C TYR B 104 -8.36 -10.30 -12.42
N ALA B 105 -9.21 -9.41 -12.93
CA ALA B 105 -9.08 -8.01 -12.56
C ALA B 105 -9.56 -7.92 -11.13
N MET B 106 -8.91 -7.08 -10.33
CA MET B 106 -9.30 -6.89 -8.94
C MET B 106 -10.43 -5.87 -8.89
N GLU B 107 -11.65 -6.39 -8.92
CA GLU B 107 -12.86 -5.58 -9.12
C GLU B 107 -13.25 -4.77 -7.90
N TYR B 108 -13.09 -5.35 -6.71
CA TYR B 108 -13.43 -4.68 -5.47
C TYR B 108 -12.25 -4.69 -4.50
N TRP B 109 -12.07 -3.58 -3.79
CA TRP B 109 -10.95 -3.39 -2.89
C TRP B 109 -11.43 -2.99 -1.50
N GLY B 110 -10.77 -3.53 -0.49
CA GLY B 110 -10.95 -3.04 0.86
C GLY B 110 -10.31 -1.67 0.99
N GLN B 111 -10.54 -1.02 2.12
CA GLN B 111 -9.96 0.31 2.39
C GLN B 111 -8.52 0.23 2.84
N GLY B 112 -8.05 -0.98 3.13
CA GLY B 112 -6.66 -1.19 3.49
C GLY B 112 -6.44 -1.07 4.99
N THR B 113 -5.52 -1.88 5.52
CA THR B 113 -5.14 -1.84 6.93
C THR B 113 -3.73 -1.28 7.00
N SER B 114 -3.57 -0.16 7.70
CA SER B 114 -2.28 0.50 7.85
C SER B 114 -1.55 -0.07 9.06
N VAL B 115 -0.43 -0.73 8.81
CA VAL B 115 0.35 -1.36 9.85
C VAL B 115 1.59 -0.52 10.14
N THR B 116 1.76 -0.19 11.41
CA THR B 116 2.94 0.49 11.90
C THR B 116 3.66 -0.46 12.84
N VAL B 117 4.92 -0.80 12.54
CA VAL B 117 5.68 -1.62 13.46
C VAL B 117 6.74 -0.77 14.17
N SER B 118 6.60 -0.72 15.50
CA SER B 118 7.42 0.13 16.33
C SER B 118 7.32 -0.34 17.77
N SER B 119 8.41 -0.15 18.52
CA SER B 119 8.43 -0.45 19.95
C SER B 119 8.27 0.82 20.78
N ALA B 120 8.09 1.96 20.11
CA ALA B 120 7.89 3.23 20.79
C ALA B 120 6.60 3.23 21.59
N LYS B 121 6.62 3.92 22.73
CA LYS B 121 5.44 4.04 23.57
C LYS B 121 4.72 5.34 23.24
N THR B 122 3.44 5.42 23.61
CA THR B 122 2.67 6.63 23.38
C THR B 122 3.38 7.83 24.03
N THR B 123 3.72 8.82 23.22
CA THR B 123 4.48 9.98 23.68
C THR B 123 3.83 11.25 23.16
N PRO B 124 3.49 12.19 24.07
CA PRO B 124 2.90 13.45 23.62
C PRO B 124 3.94 14.30 22.88
N PRO B 125 3.49 15.17 21.97
CA PRO B 125 4.42 16.01 21.24
C PRO B 125 4.95 17.19 22.05
N SER B 126 6.20 17.57 21.80
CA SER B 126 6.72 18.87 22.22
C SER B 126 6.37 19.82 21.09
N VAL B 127 5.64 20.88 21.42
CA VAL B 127 5.20 21.85 20.42
C VAL B 127 6.00 23.13 20.59
N TYR B 128 6.75 23.50 19.55
CA TYR B 128 7.61 24.66 19.61
C TYR B 128 7.12 25.74 18.66
N PRO B 129 6.93 26.97 19.16
CA PRO B 129 6.50 28.04 18.27
C PRO B 129 7.65 28.50 17.39
N LEU B 130 7.38 28.65 16.11
CA LEU B 130 8.37 29.16 15.17
C LEU B 130 7.99 30.59 14.80
N ALA B 131 8.63 31.55 15.47
CA ALA B 131 8.41 32.97 15.19
C ALA B 131 9.61 33.52 14.42
N PRO B 132 9.36 34.47 13.49
CA PRO B 132 10.43 35.09 12.71
C PRO B 132 11.25 36.08 13.56
N GLY B 133 11.76 37.17 12.97
CA GLY B 133 12.51 38.16 13.75
C GLY B 133 12.69 39.49 13.04
N GLY B 134 11.62 40.26 12.95
CA GLY B 134 11.67 41.62 12.41
C GLY B 134 11.79 41.68 10.90
N GLY B 135 12.88 41.12 10.37
CA GLY B 135 13.15 41.12 8.93
C GLY B 135 12.23 40.27 8.06
N ALA B 136 11.09 39.82 8.62
CA ALA B 136 10.05 39.17 7.83
C ALA B 136 9.41 40.20 6.88
N THR B 137 9.19 39.78 5.63
CA THR B 137 8.83 40.71 4.55
C THR B 137 7.71 40.15 3.67
N ASN B 138 7.24 40.98 2.73
CA ASN B 138 6.19 40.67 1.74
C ASN B 138 4.87 41.39 1.97
N SER B 139 4.72 42.01 3.15
CA SER B 139 3.42 42.39 3.71
C SER B 139 2.69 41.12 4.16
N MET B 140 3.45 40.05 4.32
CA MET B 140 2.93 38.72 4.58
C MET B 140 3.94 37.99 5.46
N VAL B 141 3.51 37.53 6.63
CA VAL B 141 4.41 36.84 7.55
C VAL B 141 4.11 35.35 7.59
N THR B 142 5.16 34.54 7.64
CA THR B 142 5.04 33.11 7.83
C THR B 142 5.40 32.76 9.27
N LEU B 143 4.46 32.13 9.97
CA LEU B 143 4.69 31.58 11.30
C LEU B 143 4.69 30.08 11.16
N GLY B 144 5.14 29.40 12.20
CA GLY B 144 5.15 27.95 12.18
C GLY B 144 5.06 27.32 13.56
N CYS B 145 4.78 26.02 13.57
CA CYS B 145 4.77 25.25 14.80
C CYS B 145 5.48 23.93 14.55
N LEU B 146 6.49 23.64 15.36
CA LEU B 146 7.24 22.39 15.27
C LEU B 146 6.64 21.41 16.27
N VAL B 147 6.10 20.31 15.76
CA VAL B 147 5.51 19.26 16.57
C VAL B 147 6.47 18.07 16.59
N LYS B 148 7.19 17.90 17.68
CA LYS B 148 8.35 17.02 17.72
C LYS B 148 8.28 15.94 18.79
N GLY B 149 8.66 14.71 18.42
CA GLY B 149 8.88 13.64 19.38
C GLY B 149 7.59 13.05 19.93
N TYR B 150 6.65 12.75 19.05
CA TYR B 150 5.40 12.14 19.47
C TYR B 150 5.23 10.76 18.86
N PHE B 151 4.37 9.97 19.49
CA PHE B 151 4.01 8.65 18.98
C PHE B 151 2.70 8.20 19.61
N PRO B 152 1.81 7.57 18.82
CA PRO B 152 1.85 7.29 17.40
C PRO B 152 1.25 8.43 16.59
N GLU B 153 1.07 8.21 15.29
CA GLU B 153 0.28 9.12 14.46
C GLU B 153 -1.20 8.87 14.79
N PRO B 154 -2.08 9.83 14.46
CA PRO B 154 -1.82 11.13 13.89
C PRO B 154 -1.82 12.24 14.94
N VAL B 155 -1.36 13.42 14.52
CA VAL B 155 -1.66 14.65 15.25
C VAL B 155 -2.53 15.49 14.32
N THR B 156 -3.42 16.28 14.91
CA THR B 156 -4.21 17.25 14.17
C THR B 156 -3.67 18.62 14.50
N VAL B 157 -3.23 19.36 13.49
CA VAL B 157 -2.78 20.73 13.67
C VAL B 157 -3.80 21.67 13.05
N THR B 158 -4.32 22.58 13.86
CA THR B 158 -5.14 23.69 13.38
C THR B 158 -4.52 24.99 13.84
N TRP B 159 -4.95 26.09 13.22
CA TRP B 159 -4.50 27.41 13.61
C TRP B 159 -5.71 28.24 14.04
N ASN B 160 -5.61 28.88 15.21
CA ASN B 160 -6.72 29.62 15.79
C ASN B 160 -8.03 28.84 15.76
N SER B 161 -7.98 27.61 16.27
CA SER B 161 -9.15 26.73 16.39
C SER B 161 -9.88 26.46 15.08
N GLY B 162 -9.14 26.42 13.98
CA GLY B 162 -9.71 26.12 12.66
C GLY B 162 -10.16 27.33 11.86
N SER B 163 -10.14 28.51 12.48
CA SER B 163 -10.52 29.74 11.78
C SER B 163 -9.46 30.17 10.75
N LEU B 164 -8.22 29.72 10.95
CA LEU B 164 -7.15 29.91 9.96
C LEU B 164 -6.97 28.66 9.12
N SER B 165 -7.65 28.62 7.97
CA SER B 165 -7.60 27.46 7.07
C SER B 165 -6.80 27.75 5.80
N GLY B 166 -6.96 28.95 5.24
CA GLY B 166 -6.18 29.36 4.09
C GLY B 166 -4.75 29.66 4.51
N GLY B 167 -3.80 29.42 3.61
CA GLY B 167 -2.41 29.76 3.84
C GLY B 167 -1.63 28.88 4.80
N VAL B 168 -2.15 27.70 5.13
CA VAL B 168 -1.45 26.78 6.04
C VAL B 168 -0.97 25.54 5.30
N HIS B 169 0.28 25.14 5.60
CA HIS B 169 0.84 23.89 5.12
C HIS B 169 1.30 23.07 6.30
N THR B 170 0.56 22.00 6.56
CA THR B 170 0.94 21.03 7.57
C THR B 170 1.53 19.83 6.84
N PHE B 171 2.80 19.57 7.11
CA PHE B 171 3.57 18.62 6.35
C PHE B 171 3.40 17.22 6.94
N PRO B 172 3.48 16.18 6.09
CA PRO B 172 3.44 14.81 6.61
C PRO B 172 4.48 14.58 7.71
N ALA B 173 4.13 13.77 8.70
CA ALA B 173 5.06 13.43 9.77
C ALA B 173 6.27 12.68 9.21
N VAL B 174 7.41 12.81 9.89
CA VAL B 174 8.62 12.08 9.57
C VAL B 174 9.18 11.44 10.84
N LEU B 175 9.73 10.24 10.70
CA LEU B 175 10.27 9.51 11.83
C LEU B 175 11.65 10.06 12.19
N GLN B 176 11.77 10.59 13.40
CA GLN B 176 13.02 11.13 13.90
C GLN B 176 13.37 10.36 15.17
N SER B 177 14.51 9.67 15.12
CA SER B 177 14.80 8.58 16.05
C SER B 177 13.71 7.53 15.87
N ASP B 178 12.89 7.30 16.89
CA ASP B 178 11.77 6.37 16.79
C ASP B 178 10.46 7.07 17.16
N LEU B 179 10.44 8.38 16.96
CA LEU B 179 9.28 9.21 17.24
C LEU B 179 8.99 10.08 16.03
N TYR B 180 7.76 10.56 15.94
CA TYR B 180 7.35 11.37 14.79
C TYR B 180 7.57 12.85 15.04
N THR B 181 7.85 13.55 13.96
CA THR B 181 8.00 14.98 13.98
C THR B 181 7.34 15.54 12.73
N LEU B 182 6.55 16.59 12.92
CA LEU B 182 6.07 17.37 11.79
C LEU B 182 6.10 18.84 12.13
N SER B 183 5.99 19.65 11.08
CA SER B 183 5.86 21.08 11.24
C SER B 183 4.62 21.54 10.49
N SER B 184 4.10 22.68 10.90
CA SER B 184 3.02 23.34 10.19
C SER B 184 3.43 24.78 10.01
N SER B 185 3.21 25.33 8.83
CA SER B 185 3.45 26.73 8.56
C SER B 185 2.10 27.37 8.29
N VAL B 186 1.95 28.63 8.71
CA VAL B 186 0.77 29.41 8.34
C VAL B 186 1.25 30.76 7.84
N THR B 187 0.76 31.15 6.67
CA THR B 187 1.15 32.41 6.05
C THR B 187 -0.03 33.37 6.15
N VAL B 188 0.26 34.55 6.68
CA VAL B 188 -0.75 35.45 7.21
C VAL B 188 -0.31 36.89 6.94
N PRO B 189 -1.28 37.81 6.71
CA PRO B 189 -0.90 39.21 6.49
C PRO B 189 -0.17 39.81 7.71
N SER B 190 0.73 40.75 7.47
CA SER B 190 1.48 41.39 8.57
C SER B 190 0.53 42.08 9.56
N SER B 191 -0.55 42.65 9.05
CA SER B 191 -1.70 42.96 9.89
C SER B 191 -2.32 41.62 10.24
N THR B 192 -2.75 41.46 11.49
CA THR B 192 -3.25 40.17 12.03
C THR B 192 -2.19 39.43 12.87
N TRP B 193 -0.90 39.70 12.63
CA TRP B 193 0.15 39.22 13.54
C TRP B 193 1.39 40.09 13.52
N PRO B 194 1.90 40.48 14.71
CA PRO B 194 1.47 40.12 16.07
C PRO B 194 0.32 40.95 16.67
N SER B 195 -0.31 41.82 15.89
CA SER B 195 -1.41 42.67 16.39
C SER B 195 -2.57 41.84 16.91
N GLU B 196 -2.94 40.81 16.15
CA GLU B 196 -3.93 39.82 16.60
C GLU B 196 -3.21 38.50 16.86
N THR B 197 -3.83 37.64 17.66
CA THR B 197 -3.18 36.43 18.13
C THR B 197 -3.19 35.33 17.06
N VAL B 198 -2.03 34.66 16.91
CA VAL B 198 -1.92 33.48 16.07
C VAL B 198 -1.43 32.33 16.95
N THR B 199 -2.25 31.29 17.03
CA THR B 199 -2.00 30.16 17.90
C THR B 199 -2.19 28.88 17.12
N CYS B 200 -1.23 27.96 17.22
CA CYS B 200 -1.38 26.63 16.63
C CYS B 200 -1.96 25.71 17.68
N ASN B 201 -2.91 24.88 17.27
CA ASN B 201 -3.55 23.93 18.15
C ASN B 201 -3.14 22.55 17.71
N VAL B 202 -2.46 21.82 18.59
CA VAL B 202 -1.95 20.51 18.26
C VAL B 202 -2.67 19.48 19.12
N ALA B 203 -3.50 18.67 18.47
CA ALA B 203 -4.23 17.62 19.14
C ALA B 203 -3.52 16.29 18.86
N HIS B 204 -3.22 15.55 19.92
CA HIS B 204 -2.66 14.21 19.80
C HIS B 204 -3.56 13.25 20.58
N PRO B 205 -4.66 12.80 19.95
CA PRO B 205 -5.66 11.95 20.62
C PRO B 205 -5.07 10.81 21.45
N ALA B 206 -4.14 10.05 20.88
CA ALA B 206 -3.57 8.88 21.54
C ALA B 206 -3.01 9.14 22.94
N SER B 207 -2.48 10.34 23.17
CA SER B 207 -1.96 10.72 24.49
C SER B 207 -2.89 11.69 25.22
N SER B 208 -4.12 11.86 24.70
CA SER B 208 -5.08 12.81 25.26
C SER B 208 -4.50 14.21 25.38
N THR B 209 -3.64 14.58 24.44
CA THR B 209 -2.93 15.85 24.46
C THR B 209 -3.63 16.87 23.57
N LYS B 210 -3.79 18.08 24.08
CA LYS B 210 -4.33 19.21 23.32
C LYS B 210 -3.54 20.45 23.72
N VAL B 211 -2.61 20.86 22.86
CA VAL B 211 -1.69 21.93 23.18
C VAL B 211 -1.92 23.13 22.28
N ASP B 212 -2.00 24.30 22.89
CA ASP B 212 -2.11 25.57 22.18
C ASP B 212 -0.82 26.34 22.38
N LYS B 213 -0.12 26.64 21.29
CA LYS B 213 1.09 27.44 21.35
C LYS B 213 0.93 28.74 20.59
N LYS B 214 0.82 29.82 21.35
CA LYS B 214 0.75 31.17 20.81
C LYS B 214 2.10 31.53 20.18
N ILE B 215 2.06 32.04 18.96
CA ILE B 215 3.27 32.50 18.29
C ILE B 215 3.52 33.93 18.75
N VAL B 216 4.63 34.13 19.46
CA VAL B 216 5.01 35.43 20.00
C VAL B 216 6.37 35.82 19.42
N PRO B 217 6.56 37.09 19.03
CA PRO B 217 7.87 37.55 18.56
C PRO B 217 8.99 37.26 19.56
N ARG B 218 10.19 36.98 19.04
CA ARG B 218 11.33 36.56 19.86
C ARG B 218 10.94 35.40 20.78
N ASP C 1 9.62 -14.07 -13.71
CA ASP C 1 8.35 -13.32 -13.48
C ASP C 1 8.11 -12.34 -14.61
N ILE C 2 6.86 -11.95 -14.79
CA ILE C 2 6.50 -10.95 -15.80
C ILE C 2 6.71 -9.57 -15.19
N VAL C 3 7.66 -8.84 -15.74
CA VAL C 3 7.96 -7.49 -15.28
C VAL C 3 7.07 -6.53 -16.05
N LEU C 4 6.40 -5.65 -15.34
CA LEU C 4 5.57 -4.62 -15.96
C LEU C 4 6.24 -3.27 -15.79
N THR C 5 6.55 -2.64 -16.91
CA THR C 5 7.21 -1.33 -16.89
C THR C 5 6.22 -0.27 -17.35
N GLN C 6 5.95 0.69 -16.48
CA GLN C 6 5.04 1.77 -16.80
C GLN C 6 5.83 3.01 -17.11
N SER C 7 5.43 3.72 -18.17
CA SER C 7 6.03 4.98 -18.50
C SER C 7 4.96 5.98 -18.92
N PRO C 8 5.19 7.27 -18.62
CA PRO C 8 6.28 7.75 -17.77
C PRO C 8 5.97 7.49 -16.30
N ALA C 9 6.97 7.69 -15.44
CA ALA C 9 6.78 7.56 -14.00
C ALA C 9 5.84 8.66 -13.50
N ILE C 10 6.05 9.88 -13.99
CA ILE C 10 5.19 11.01 -13.67
C ILE C 10 4.78 11.68 -14.97
N LEU C 11 3.51 12.06 -15.05
CA LEU C 11 2.99 12.76 -16.21
C LEU C 11 2.29 14.04 -15.75
N SER C 12 2.74 15.18 -16.26
CA SER C 12 2.11 16.46 -15.97
C SER C 12 1.03 16.69 -16.99
N VAL C 13 -0.19 16.98 -16.52
CA VAL C 13 -1.35 17.08 -17.41
C VAL C 13 -2.14 18.36 -17.15
N SER C 14 -2.77 18.87 -18.18
CA SER C 14 -3.61 20.06 -18.08
C SER C 14 -5.07 19.64 -18.16
N PRO C 15 -5.93 20.22 -17.30
CA PRO C 15 -7.35 19.82 -17.32
C PRO C 15 -7.97 19.87 -18.71
N GLY C 16 -8.75 18.86 -19.05
CA GLY C 16 -9.41 18.77 -20.35
C GLY C 16 -8.60 18.06 -21.42
N GLU C 17 -7.28 17.97 -21.22
CA GLU C 17 -6.38 17.35 -22.18
C GLU C 17 -6.62 15.84 -22.28
N ARG C 18 -6.43 15.29 -23.48
CA ARG C 18 -6.39 13.85 -23.67
C ARG C 18 -4.99 13.38 -23.31
N VAL C 19 -4.90 12.40 -22.42
CA VAL C 19 -3.60 11.87 -22.01
C VAL C 19 -3.59 10.35 -22.14
N SER C 20 -2.40 9.81 -22.38
CA SER C 20 -2.17 8.37 -22.40
C SER C 20 -0.91 8.03 -21.61
N PHE C 21 -0.88 6.81 -21.08
CA PHE C 21 0.34 6.28 -20.49
C PHE C 21 0.36 4.78 -20.69
N SER C 22 1.56 4.22 -20.65
CA SER C 22 1.78 2.89 -21.17
C SER C 22 2.23 1.92 -20.09
N CYS C 23 1.90 0.66 -20.32
CA CYS C 23 2.36 -0.44 -19.50
C CYS C 23 2.89 -1.46 -20.49
N ARG C 24 4.15 -1.86 -20.34
CA ARG C 24 4.66 -2.93 -21.18
C ARG C 24 5.18 -4.12 -20.36
N ALA C 25 4.75 -5.30 -20.78
CA ALA C 25 5.07 -6.55 -20.11
C ALA C 25 6.30 -7.18 -20.74
N SER C 26 7.15 -7.78 -19.91
CA SER C 26 8.36 -8.46 -20.40
C SER C 26 8.07 -9.76 -21.16
N GLN C 27 6.84 -10.24 -21.11
CA GLN C 27 6.40 -11.39 -21.91
C GLN C 27 4.99 -11.17 -22.40
N ASN C 28 4.59 -11.92 -23.42
CA ASN C 28 3.24 -11.86 -23.94
C ASN C 28 2.23 -12.32 -22.90
N ILE C 29 1.23 -11.49 -22.62
CA ILE C 29 0.18 -11.82 -21.65
C ILE C 29 -1.21 -11.70 -22.26
N GLY C 30 -1.28 -11.76 -23.59
CA GLY C 30 -2.54 -11.59 -24.30
C GLY C 30 -3.19 -10.28 -23.89
N THR C 31 -4.43 -10.36 -23.39
CA THR C 31 -5.14 -9.17 -22.95
C THR C 31 -5.23 -9.11 -21.42
N SER C 32 -4.42 -9.91 -20.72
CA SER C 32 -4.53 -10.07 -19.27
C SER C 32 -3.85 -8.94 -18.50
N ILE C 33 -4.16 -7.69 -18.85
CA ILE C 33 -3.69 -6.54 -18.09
C ILE C 33 -4.89 -5.78 -17.58
N HIS C 34 -4.76 -5.26 -16.37
CA HIS C 34 -5.83 -4.51 -15.72
C HIS C 34 -5.22 -3.23 -15.19
N TRP C 35 -6.01 -2.15 -15.26
CA TRP C 35 -5.56 -0.83 -14.83
C TRP C 35 -6.31 -0.38 -13.60
N TYR C 36 -5.57 0.17 -12.64
CA TYR C 36 -6.16 0.71 -11.42
C TYR C 36 -5.79 2.16 -11.23
N GLN C 37 -6.74 2.91 -10.69
CA GLN C 37 -6.54 4.31 -10.33
C GLN C 37 -6.47 4.37 -8.81
N GLN C 38 -5.49 5.07 -8.29
CA GLN C 38 -5.38 5.26 -6.86
C GLN C 38 -5.18 6.72 -6.53
N ARG C 39 -6.21 7.36 -6.02
CA ARG C 39 -6.09 8.73 -5.54
C ARG C 39 -5.36 8.72 -4.21
N THR C 40 -4.80 9.85 -3.83
CA THR C 40 -4.08 9.98 -2.57
C THR C 40 -4.93 9.52 -1.39
N ASN C 41 -4.32 8.70 -0.53
CA ASN C 41 -4.97 8.16 0.67
C ASN C 41 -6.23 7.34 0.40
N GLU C 42 -6.35 6.79 -0.82
CA GLU C 42 -7.47 5.92 -1.16
C GLU C 42 -6.97 4.56 -1.63
N SER C 43 -7.90 3.61 -1.69
CA SER C 43 -7.61 2.29 -2.25
C SER C 43 -7.55 2.39 -3.76
N PRO C 44 -6.82 1.47 -4.40
CA PRO C 44 -6.90 1.38 -5.85
C PRO C 44 -8.33 1.06 -6.29
N ARG C 45 -8.66 1.45 -7.52
CA ARG C 45 -9.96 1.22 -8.10
C ARG C 45 -9.77 0.73 -9.52
N LEU C 46 -10.42 -0.38 -9.86
CA LEU C 46 -10.35 -0.93 -11.21
C LEU C 46 -11.05 0.00 -12.19
N ILE C 47 -10.34 0.38 -13.25
CA ILE C 47 -10.89 1.29 -14.25
C ILE C 47 -10.98 0.67 -15.65
N ILE C 48 -10.09 -0.27 -15.98
CA ILE C 48 -10.17 -1.04 -17.23
C ILE C 48 -9.69 -2.45 -16.94
N LYS C 49 -10.43 -3.44 -17.40
CA LYS C 49 -10.03 -4.83 -17.27
C LYS C 49 -9.80 -5.46 -18.64
N TYR C 50 -8.95 -6.48 -18.64
CA TYR C 50 -8.55 -7.19 -19.85
C TYR C 50 -8.26 -6.25 -20.99
N ALA C 51 -7.33 -5.33 -20.71
CA ALA C 51 -6.78 -4.41 -21.69
C ALA C 51 -7.75 -3.33 -22.14
N SER C 52 -8.99 -3.69 -22.45
CA SER C 52 -9.90 -2.74 -23.09
C SER C 52 -11.35 -2.75 -22.59
N GLU C 53 -11.69 -3.61 -21.64
CA GLU C 53 -13.08 -3.76 -21.25
C GLU C 53 -13.45 -2.76 -20.18
N SER C 54 -14.55 -2.07 -20.40
CA SER C 54 -15.01 -1.00 -19.52
C SER C 54 -15.57 -1.59 -18.24
N ILE C 55 -15.59 -0.77 -17.20
CA ILE C 55 -16.04 -1.17 -15.88
C ILE C 55 -17.25 -0.33 -15.51
N SER C 56 -18.30 -0.95 -14.99
CA SER C 56 -19.52 -0.20 -14.68
C SER C 56 -19.22 0.89 -13.64
N GLY C 57 -19.77 2.08 -13.88
CA GLY C 57 -19.59 3.20 -12.96
C GLY C 57 -18.34 4.02 -13.20
N ILE C 58 -17.49 3.58 -14.13
CA ILE C 58 -16.26 4.30 -14.43
C ILE C 58 -16.53 5.21 -15.63
N PRO C 59 -16.10 6.48 -15.56
CA PRO C 59 -16.40 7.40 -16.65
C PRO C 59 -15.94 6.88 -18.01
N SER C 60 -16.78 7.08 -19.04
CA SER C 60 -16.50 6.56 -20.37
C SER C 60 -15.26 7.18 -21.03
N ARG C 61 -14.76 8.27 -20.44
CA ARG C 61 -13.52 8.87 -20.93
C ARG C 61 -12.29 7.97 -20.73
N PHE C 62 -12.41 6.97 -19.86
CA PHE C 62 -11.37 5.97 -19.68
C PHE C 62 -11.51 4.86 -20.72
N SER C 63 -10.43 4.56 -21.40
CA SER C 63 -10.38 3.43 -22.31
C SER C 63 -9.00 2.82 -22.29
N GLY C 64 -8.92 1.57 -22.70
CA GLY C 64 -7.64 0.87 -22.80
C GLY C 64 -7.53 0.16 -24.13
N SER C 65 -6.30 -0.04 -24.57
CA SER C 65 -6.04 -0.82 -25.76
C SER C 65 -4.75 -1.62 -25.58
N GLY C 66 -4.51 -2.53 -26.51
CA GLY C 66 -3.31 -3.34 -26.52
C GLY C 66 -3.62 -4.81 -26.35
N SER C 67 -2.74 -5.63 -26.91
CA SER C 67 -2.77 -7.06 -26.71
C SER C 67 -1.36 -7.59 -26.95
N GLY C 68 -0.89 -8.48 -26.08
CA GLY C 68 0.46 -8.99 -26.16
C GLY C 68 1.32 -8.46 -25.04
N THR C 69 2.09 -7.42 -25.33
CA THR C 69 3.05 -6.85 -24.39
C THR C 69 2.85 -5.35 -24.14
N ASP C 70 2.34 -4.62 -25.13
CA ASP C 70 2.25 -3.15 -25.07
C ASP C 70 0.83 -2.70 -24.82
N PHE C 71 0.61 -2.04 -23.69
CA PHE C 71 -0.73 -1.66 -23.27
C PHE C 71 -0.78 -0.17 -22.97
N THR C 72 -1.91 0.44 -23.31
CA THR C 72 -2.09 1.87 -23.16
C THR C 72 -3.41 2.15 -22.47
N LEU C 73 -3.36 2.95 -21.40
CA LEU C 73 -4.57 3.52 -20.82
C LEU C 73 -4.69 4.95 -21.30
N SER C 74 -5.88 5.32 -21.75
CA SER C 74 -6.13 6.68 -22.25
C SER C 74 -7.27 7.31 -21.50
N ILE C 75 -7.14 8.62 -21.23
CA ILE C 75 -8.19 9.40 -20.61
C ILE C 75 -8.56 10.49 -21.62
N ASN C 76 -9.79 10.42 -22.13
CA ASN C 76 -10.19 11.29 -23.25
C ASN C 76 -10.05 12.77 -22.93
N SER C 77 -10.46 13.14 -21.73
CA SER C 77 -10.40 14.53 -21.29
C SER C 77 -10.15 14.53 -19.78
N VAL C 78 -8.91 14.82 -19.39
CA VAL C 78 -8.50 14.64 -18.01
C VAL C 78 -9.17 15.64 -17.06
N GLU C 79 -9.71 15.13 -15.96
CA GLU C 79 -10.31 15.95 -14.92
C GLU C 79 -9.51 15.91 -13.64
N SER C 80 -9.82 16.83 -12.74
CA SER C 80 -9.11 16.94 -11.48
C SER C 80 -9.22 15.64 -10.68
N GLU C 81 -10.38 14.98 -10.73
CA GLU C 81 -10.57 13.72 -10.01
C GLU C 81 -9.74 12.57 -10.58
N ASP C 82 -9.22 12.74 -11.80
CA ASP C 82 -8.36 11.73 -12.42
C ASP C 82 -6.92 11.83 -11.93
N ILE C 83 -6.59 12.88 -11.16
CA ILE C 83 -5.25 13.05 -10.62
C ILE C 83 -5.05 11.99 -9.55
N ALA C 84 -4.08 11.12 -9.79
CA ALA C 84 -3.94 9.87 -9.04
C ALA C 84 -2.70 9.14 -9.54
N ASP C 85 -2.35 8.04 -8.88
CA ASP C 85 -1.38 7.10 -9.43
C ASP C 85 -2.15 6.04 -10.18
N TYR C 86 -1.60 5.60 -11.31
CA TYR C 86 -2.22 4.57 -12.12
C TYR C 86 -1.30 3.37 -12.21
N TYR C 87 -1.82 2.20 -11.87
CA TYR C 87 -1.06 0.97 -11.89
C TYR C 87 -1.67 -0.01 -12.86
N CYS C 88 -0.81 -0.76 -13.54
CA CYS C 88 -1.26 -1.89 -14.33
C CYS C 88 -0.88 -3.15 -13.56
N GLN C 89 -1.57 -4.23 -13.88
CA GLN C 89 -1.35 -5.51 -13.24
C GLN C 89 -1.65 -6.59 -14.25
N GLN C 90 -0.85 -7.66 -14.24
CA GLN C 90 -1.12 -8.80 -15.10
C GLN C 90 -1.63 -9.96 -14.27
N SER C 91 -2.55 -10.71 -14.85
CA SER C 91 -3.17 -11.85 -14.19
C SER C 91 -3.08 -13.11 -15.06
N ASN C 92 -2.19 -13.08 -16.05
CA ASN C 92 -2.05 -14.23 -16.94
C ASN C 92 -1.42 -15.42 -16.21
N THR C 93 -0.33 -15.19 -15.50
CA THR C 93 0.36 -16.23 -14.74
C THR C 93 0.93 -15.73 -13.41
N TRP C 94 1.17 -16.67 -12.49
CA TRP C 94 1.78 -16.34 -11.21
C TRP C 94 3.26 -16.02 -11.41
N PRO C 95 3.83 -15.15 -10.58
CA PRO C 95 3.14 -14.34 -9.59
C PRO C 95 2.40 -13.23 -10.29
N TYR C 96 1.30 -12.74 -9.70
CA TYR C 96 0.73 -11.49 -10.17
C TYR C 96 1.81 -10.45 -10.02
N THR C 97 1.87 -9.51 -10.96
CA THR C 97 2.83 -8.44 -10.87
C THR C 97 2.15 -7.15 -11.22
N PHE C 98 2.69 -6.07 -10.69
CA PHE C 98 2.21 -4.72 -10.91
C PHE C 98 3.29 -3.90 -11.55
N GLY C 99 2.90 -2.94 -12.37
CA GLY C 99 3.82 -1.92 -12.82
C GLY C 99 4.17 -1.00 -11.67
N GLY C 100 5.24 -0.23 -11.84
CA GLY C 100 5.71 0.68 -10.79
C GLY C 100 4.86 1.93 -10.62
N GLY C 101 3.90 2.13 -11.52
CA GLY C 101 2.93 3.20 -11.40
C GLY C 101 3.26 4.39 -12.29
N THR C 102 2.21 5.08 -12.72
CA THR C 102 2.34 6.38 -13.39
C THR C 102 1.56 7.36 -12.52
N LYS C 103 2.24 8.40 -12.06
CA LYS C 103 1.64 9.44 -11.25
C LYS C 103 1.18 10.57 -12.17
N LEU C 104 -0.10 10.91 -12.10
CA LEU C 104 -0.62 12.08 -12.79
C LEU C 104 -0.49 13.30 -11.90
N GLU C 105 -0.23 14.43 -12.55
CA GLU C 105 0.21 15.63 -11.91
C GLU C 105 -0.36 16.79 -12.71
N LEU C 106 -0.96 17.78 -12.04
CA LEU C 106 -1.52 18.92 -12.77
C LEU C 106 -0.42 19.89 -13.18
N LYS C 107 -0.35 20.16 -14.48
CA LYS C 107 0.61 21.12 -15.04
C LYS C 107 0.15 22.53 -14.70
N ARG C 108 1.06 23.34 -14.16
CA ARG C 108 0.82 24.76 -13.94
C ARG C 108 2.08 25.55 -14.25
N ALA C 109 2.01 26.87 -14.14
CA ALA C 109 3.18 27.72 -14.37
C ALA C 109 4.20 27.50 -13.25
N ASP C 110 5.48 27.53 -13.61
CA ASP C 110 6.54 27.37 -12.61
C ASP C 110 6.45 28.46 -11.55
N ALA C 111 6.72 28.09 -10.30
CA ALA C 111 6.66 29.02 -9.18
C ALA C 111 7.82 28.76 -8.25
N ALA C 112 8.58 29.81 -7.93
CA ALA C 112 9.66 29.70 -6.98
C ALA C 112 9.08 29.58 -5.57
N PRO C 113 9.82 28.93 -4.65
CA PRO C 113 9.33 28.78 -3.29
C PRO C 113 9.48 30.05 -2.46
N THR C 114 8.50 30.29 -1.59
CA THR C 114 8.65 31.27 -0.53
C THR C 114 9.37 30.56 0.62
N VAL C 115 10.58 31.02 0.90
CA VAL C 115 11.45 30.36 1.88
C VAL C 115 11.48 31.16 3.18
N SER C 116 11.28 30.46 4.29
CA SER C 116 11.31 31.07 5.61
C SER C 116 12.14 30.20 6.56
N ILE C 117 13.13 30.80 7.22
CA ILE C 117 13.96 30.10 8.18
C ILE C 117 13.61 30.54 9.60
N PHE C 118 13.67 29.59 10.54
CA PHE C 118 13.34 29.85 11.93
C PHE C 118 14.41 29.30 12.87
N PRO C 119 15.00 30.18 13.70
CA PRO C 119 15.90 29.69 14.73
C PRO C 119 15.17 28.82 15.75
N PRO C 120 15.92 28.00 16.52
CA PRO C 120 15.28 27.23 17.57
C PRO C 120 14.54 28.13 18.56
N SER C 121 13.38 27.67 19.04
CA SER C 121 12.65 28.38 20.06
C SER C 121 13.43 28.34 21.37
N SER C 122 13.23 29.35 22.21
CA SER C 122 13.84 29.36 23.54
C SER C 122 13.35 28.17 24.37
N GLU C 123 12.09 27.78 24.17
CA GLU C 123 11.51 26.64 24.91
C GLU C 123 12.14 25.30 24.51
N GLN C 124 12.56 25.14 23.26
CA GLN C 124 13.31 23.95 22.86
C GLN C 124 14.74 24.02 23.40
N LEU C 125 15.33 25.21 23.34
CA LEU C 125 16.69 25.42 23.85
C LEU C 125 16.78 25.15 25.35
N THR C 126 15.69 25.46 26.07
CA THR C 126 15.60 25.14 27.49
C THR C 126 15.76 23.63 27.75
N SER C 127 15.25 22.80 26.84
CA SER C 127 15.30 21.34 26.98
C SER C 127 16.57 20.70 26.40
N GLY C 128 17.50 21.51 25.90
CA GLY C 128 18.78 21.02 25.41
C GLY C 128 18.83 20.75 23.91
N GLY C 129 17.70 20.90 23.22
CA GLY C 129 17.62 20.66 21.78
C GLY C 129 17.64 21.94 20.97
N ALA C 130 17.92 21.82 19.68
CA ALA C 130 17.97 22.98 18.79
C ALA C 130 17.62 22.59 17.36
N SER C 131 16.36 22.84 16.97
CA SER C 131 15.91 22.57 15.61
C SER C 131 15.80 23.87 14.84
N VAL C 132 16.52 23.95 13.73
CA VAL C 132 16.40 25.08 12.82
C VAL C 132 15.50 24.62 11.69
N VAL C 133 14.40 25.34 11.48
CA VAL C 133 13.38 24.94 10.52
C VAL C 133 13.40 25.87 9.32
N CYS C 134 13.17 25.28 8.15
CA CYS C 134 13.09 26.01 6.92
C CYS C 134 11.86 25.55 6.15
N PHE C 135 10.97 26.47 5.83
CA PHE C 135 9.80 26.18 5.01
C PHE C 135 10.06 26.66 3.58
N LEU C 136 9.78 25.79 2.62
CA LEU C 136 9.87 26.13 1.21
C LEU C 136 8.49 25.95 0.61
N ASN C 137 7.72 27.03 0.55
CA ASN C 137 6.28 26.91 0.28
C ASN C 137 5.82 27.37 -1.09
N ASN C 138 4.81 26.66 -1.61
CA ASN C 138 4.06 27.05 -2.81
C ASN C 138 4.91 27.18 -4.05
N PHE C 139 5.68 26.14 -4.35
CA PHE C 139 6.53 26.12 -5.52
C PHE C 139 6.09 25.08 -6.54
N TYR C 140 6.59 25.22 -7.76
CA TYR C 140 6.30 24.29 -8.84
C TYR C 140 7.39 24.41 -9.91
N PRO C 141 7.92 23.29 -10.42
CA PRO C 141 7.56 21.88 -10.18
C PRO C 141 8.02 21.32 -8.85
N LYS C 142 7.64 20.07 -8.58
CA LYS C 142 7.87 19.40 -7.31
C LYS C 142 9.35 19.27 -6.92
N ASP C 143 10.20 19.12 -7.92
CA ASP C 143 11.62 18.83 -7.69
C ASP C 143 12.30 20.02 -7.02
N ILE C 144 13.03 19.77 -5.94
CA ILE C 144 13.72 20.84 -5.21
C ILE C 144 14.81 20.27 -4.31
N ASN C 145 15.85 21.06 -4.07
CA ASN C 145 16.96 20.64 -3.21
C ASN C 145 17.31 21.67 -2.15
N VAL C 146 17.44 21.20 -0.91
CA VAL C 146 17.75 22.06 0.23
C VAL C 146 19.11 21.71 0.81
N LYS C 147 19.97 22.73 0.97
CA LYS C 147 21.23 22.55 1.68
C LYS C 147 21.27 23.48 2.89
N TRP C 148 21.77 22.94 4.00
CA TRP C 148 22.02 23.73 5.20
C TRP C 148 23.51 24.03 5.31
N LYS C 149 23.84 25.20 5.87
CA LYS C 149 25.22 25.49 6.26
C LYS C 149 25.28 26.10 7.66
N ILE C 150 26.32 25.75 8.40
CA ILE C 150 26.60 26.33 9.71
C ILE C 150 27.97 27.01 9.61
N ASP C 151 28.01 28.32 9.83
CA ASP C 151 29.24 29.10 9.72
C ASP C 151 29.97 28.80 8.41
N GLY C 152 29.21 28.72 7.31
CA GLY C 152 29.77 28.51 5.97
C GLY C 152 29.95 27.06 5.56
N SER C 153 30.03 26.16 6.53
CA SER C 153 30.27 24.73 6.27
C SER C 153 28.96 23.99 6.04
N GLU C 154 28.90 23.20 4.98
CA GLU C 154 27.71 22.40 4.67
C GLU C 154 27.44 21.39 5.79
N ARG C 155 26.17 21.05 5.97
CA ARG C 155 25.77 20.05 6.97
C ARG C 155 24.60 19.21 6.45
N GLN C 156 24.72 17.89 6.54
CA GLN C 156 23.64 16.97 6.17
C GLN C 156 23.15 16.07 7.32
N ASN C 157 23.92 16.00 8.40
CA ASN C 157 23.52 15.21 9.57
C ASN C 157 22.44 15.92 10.37
N GLY C 158 21.41 15.18 10.77
CA GLY C 158 20.30 15.74 11.55
C GLY C 158 19.36 16.63 10.75
N VAL C 159 19.33 16.41 9.43
CA VAL C 159 18.45 17.14 8.52
C VAL C 159 17.35 16.21 8.03
N LEU C 160 16.11 16.49 8.44
CA LEU C 160 14.95 15.74 7.97
C LEU C 160 14.01 16.62 7.15
N ASN C 161 13.53 16.07 6.04
CA ASN C 161 12.72 16.79 5.08
C ASN C 161 11.33 16.16 4.94
N SER C 162 10.34 16.96 4.58
CA SER C 162 8.98 16.48 4.37
C SER C 162 8.27 17.29 3.29
N GLU C 163 7.63 16.58 2.36
CA GLU C 163 7.00 17.20 1.19
C GLU C 163 5.48 17.03 1.24
N THR C 164 4.75 18.09 0.90
CA THR C 164 3.29 18.00 0.77
C THR C 164 2.94 17.44 -0.59
N ASP C 165 1.70 16.97 -0.71
CA ASP C 165 1.16 16.56 -2.00
C ASP C 165 0.79 17.82 -2.77
N GLN C 166 0.58 17.69 -4.07
CA GLN C 166 0.19 18.82 -4.89
C GLN C 166 -1.09 19.44 -4.33
N ASP C 167 -1.08 20.75 -4.10
CA ASP C 167 -2.26 21.44 -3.60
C ASP C 167 -3.40 21.33 -4.61
N SER C 168 -4.61 21.06 -4.12
CA SER C 168 -5.76 20.84 -5.02
C SER C 168 -6.33 22.14 -5.59
N LYS C 169 -5.97 23.27 -5.01
CA LYS C 169 -6.46 24.58 -5.43
C LYS C 169 -5.49 25.25 -6.41
N ASP C 170 -4.25 25.49 -5.96
CA ASP C 170 -3.27 26.21 -6.79
C ASP C 170 -2.20 25.31 -7.43
N SER C 171 -2.30 24.01 -7.18
CA SER C 171 -1.45 23.01 -7.86
C SER C 171 0.06 23.14 -7.55
N THR C 172 0.39 23.75 -6.41
CA THR C 172 1.79 23.93 -6.03
C THR C 172 2.23 22.84 -5.05
N TYR C 173 3.53 22.85 -4.75
CA TYR C 173 4.11 21.94 -3.77
C TYR C 173 4.76 22.73 -2.66
N SER C 174 4.85 22.12 -1.47
CA SER C 174 5.54 22.72 -0.34
C SER C 174 6.48 21.69 0.31
N MET C 175 7.51 22.20 0.99
CA MET C 175 8.45 21.34 1.68
C MET C 175 8.90 21.98 2.99
N SER C 176 9.13 21.14 3.99
CA SER C 176 9.76 21.57 5.24
C SER C 176 11.07 20.82 5.40
N SER C 177 12.09 21.55 5.83
CA SER C 177 13.40 20.97 6.08
C SER C 177 13.85 21.41 7.47
N THR C 178 14.14 20.45 8.33
CA THR C 178 14.47 20.74 9.71
C THR C 178 15.84 20.17 10.07
N LEU C 179 16.73 21.05 10.54
CA LEU C 179 18.06 20.68 11.00
C LEU C 179 18.09 20.68 12.52
N THR C 180 18.28 19.51 13.12
CA THR C 180 18.28 19.39 14.59
C THR C 180 19.69 19.17 15.15
N LEU C 181 20.07 20.06 16.07
CA LEU C 181 21.37 20.02 16.76
C LEU C 181 21.13 19.98 18.26
N THR C 182 22.21 19.89 19.03
CA THR C 182 22.15 20.06 20.48
C THR C 182 22.32 21.53 20.83
N LYS C 183 21.87 21.92 22.02
CA LYS C 183 21.98 23.29 22.49
C LYS C 183 23.44 23.77 22.50
N ASP C 184 24.33 22.93 23.03
CA ASP C 184 25.76 23.27 23.14
C ASP C 184 26.43 23.37 21.77
N GLU C 185 26.13 22.41 20.89
CA GLU C 185 26.59 22.45 19.51
C GLU C 185 26.06 23.70 18.80
N TYR C 186 24.79 24.02 19.06
CA TYR C 186 24.16 25.20 18.48
C TYR C 186 24.78 26.52 19.00
N GLU C 187 25.21 26.52 20.26
CA GLU C 187 25.85 27.71 20.85
C GLU C 187 27.27 27.98 20.32
N ARG C 188 27.95 26.94 19.86
CA ARG C 188 29.34 27.06 19.40
C ARG C 188 29.47 27.67 18.00
N HIS C 189 28.35 27.83 17.31
CA HIS C 189 28.33 28.48 15.99
C HIS C 189 27.38 29.68 15.98
N ASN C 190 27.59 30.57 15.03
CA ASN C 190 26.85 31.82 14.96
C ASN C 190 25.79 31.85 13.85
N THR C 191 26.18 31.44 12.65
CA THR C 191 25.34 31.65 11.47
C THR C 191 24.76 30.35 10.91
N TYR C 192 23.47 30.39 10.59
CA TYR C 192 22.75 29.23 10.09
C TYR C 192 21.99 29.59 8.82
N THR C 193 22.24 28.86 7.75
CA THR C 193 21.68 29.19 6.44
C THR C 193 20.91 28.01 5.87
N CYS C 194 19.70 28.29 5.41
CA CYS C 194 18.91 27.36 4.62
C CYS C 194 19.00 27.78 3.15
N GLU C 195 19.46 26.86 2.29
CA GLU C 195 19.75 27.18 0.90
C GLU C 195 18.88 26.32 -0.03
N ALA C 196 17.98 26.97 -0.78
CA ALA C 196 17.05 26.26 -1.66
C ALA C 196 17.40 26.41 -3.14
N THR C 197 17.55 25.27 -3.81
CA THR C 197 17.80 25.22 -5.25
C THR C 197 16.58 24.67 -6.00
N HIS C 198 16.03 25.49 -6.89
CA HIS C 198 14.81 25.15 -7.63
C HIS C 198 14.96 25.61 -9.08
N LYS C 199 14.28 24.95 -10.02
CA LYS C 199 14.52 25.22 -11.45
C LYS C 199 14.07 26.62 -11.90
N THR C 200 13.23 27.29 -11.11
CA THR C 200 12.80 28.66 -11.39
C THR C 200 13.96 29.67 -11.35
N SER C 201 15.08 29.29 -10.76
CA SER C 201 16.26 30.14 -10.75
C SER C 201 17.53 29.32 -10.59
N THR C 202 18.57 29.70 -11.33
CA THR C 202 19.89 29.10 -11.16
C THR C 202 20.58 29.64 -9.90
N SER C 203 20.05 30.73 -9.34
CA SER C 203 20.52 31.29 -8.08
C SER C 203 19.76 30.63 -6.92
N PRO C 204 20.49 29.97 -6.00
CA PRO C 204 19.82 29.42 -4.81
C PRO C 204 19.20 30.51 -3.94
N ILE C 205 18.01 30.23 -3.42
CA ILE C 205 17.36 31.13 -2.46
C ILE C 205 17.96 30.84 -1.09
N VAL C 206 18.73 31.81 -0.59
CA VAL C 206 19.45 31.66 0.67
C VAL C 206 18.71 32.41 1.76
N LYS C 207 18.33 31.69 2.81
CA LYS C 207 17.69 32.29 3.97
C LYS C 207 18.52 31.94 5.18
N SER C 208 18.93 32.95 5.95
CA SER C 208 19.84 32.72 7.05
C SER C 208 19.66 33.71 8.19
N PHE C 209 20.31 33.40 9.31
CA PHE C 209 20.33 34.28 10.45
C PHE C 209 21.62 34.06 11.23
N ASN C 210 21.98 35.06 12.03
CA ASN C 210 23.15 35.01 12.88
C ASN C 210 22.72 35.10 14.34
N ARG C 211 23.20 34.20 15.18
CA ARG C 211 22.79 34.14 16.59
C ARG C 211 23.07 35.42 17.36
N ASN C 212 24.29 35.96 17.21
CA ASN C 212 24.68 37.17 17.95
C ASN C 212 23.91 38.42 17.56
N GLU C 213 23.19 38.36 16.44
CA GLU C 213 22.24 39.42 16.07
C GLU C 213 20.90 39.15 16.73
#